data_7QPP
#
_entry.id   7QPP
#
_cell.length_a   44.926
_cell.length_b   51.317
_cell.length_c   132.317
_cell.angle_alpha   90.000
_cell.angle_beta   90.000
_cell.angle_gamma   90.000
#
_symmetry.space_group_name_H-M   'P 21 21 21'
#
loop_
_entity.id
_entity.type
_entity.pdbx_description
1 polymer 'Vitamin D3 receptor'
2 non-polymer 5-{2-[1-(5-HYDROXY-1,5-DIMETHYL-HEXYL)-7A-METHYL-OCTAHYDRO-INDEN-4-YLIDENE]-ETHYLIDENE}-4-METHYLENE-CYCLOHEXANE-1,3-DIOL
3 non-polymer 'SULFATE ION'
4 water water
#
_entity_poly.entity_id   1
_entity_poly.type   'polypeptide(L)'
_entity_poly.pdbx_seq_one_letter_code
;GSHMDSLRPKLSEEQQRIIAILLDAHHKTYDPTYSDFCQFRPPVRVNDGGGSVTLELSQLSMLPHLADLVSYSIQKVIGF
AKMIPGFRDLTSEDQIVLLKSSAIEVIMLRSNESFTMDDMSWTCGNQDYKYRVSDVTKAGHSLELIEPLIKFQVGLKKLN
LHEEEHVLLMAICIVSPDRPGVQDAALIEAIQDRLSNTLQTYIRCRHPPPGSHLLYAKMIQKLADLRSLNEEHSKQYRCL
SFQPECSMKLTPLVLEVFGNEIS
;
_entity_poly.pdbx_strand_id   A
#
loop_
_chem_comp.id
_chem_comp.type
_chem_comp.name
_chem_comp.formula
SO4 non-polymer 'SULFATE ION' 'O4 S -2'
VDX non-polymer 5-{2-[1-(5-HYDROXY-1,5-DIMETHYL-HEXYL)-7A-METHYL-OCTAHYDRO-INDEN-4-YLIDENE]-ETHYLIDENE}-4-METHYLENE-CYCLOHEXANE-1,3-DIOL 'C27 H44 O3'
#
# COMPACT_ATOMS: atom_id res chain seq x y z
N SER A 6 -6.21 -14.87 30.35
CA SER A 6 -6.15 -13.97 29.20
C SER A 6 -5.22 -12.77 29.49
N LEU A 7 -3.91 -12.99 29.52
CA LEU A 7 -3.00 -11.97 30.05
C LEU A 7 -2.90 -10.77 29.11
N ARG A 8 -2.76 -9.58 29.70
CA ARG A 8 -2.63 -8.34 28.94
C ARG A 8 -1.39 -7.61 29.43
N PRO A 9 -0.21 -8.11 29.06
CA PRO A 9 1.00 -7.37 29.39
C PRO A 9 0.92 -5.94 28.88
N LYS A 10 1.46 -5.02 29.68
CA LYS A 10 1.52 -3.64 29.26
C LYS A 10 2.55 -3.45 28.15
N LEU A 11 2.31 -2.45 27.29
CA LEU A 11 3.32 -2.05 26.33
C LEU A 11 4.58 -1.61 27.05
N SER A 12 5.71 -2.14 26.62
CA SER A 12 6.97 -1.70 27.17
C SER A 12 7.28 -0.27 26.73
N GLU A 13 8.24 0.35 27.42
CA GLU A 13 8.70 1.67 26.99
C GLU A 13 9.19 1.62 25.55
N GLU A 14 9.92 0.56 25.18
CA GLU A 14 10.38 0.44 23.80
C GLU A 14 9.21 0.33 22.84
N GLN A 15 8.20 -0.47 23.19
CA GLN A 15 7.05 -0.62 22.29
C GLN A 15 6.30 0.70 22.13
N GLN A 16 6.13 1.45 23.23
CA GLN A 16 5.53 2.77 23.11
C GLN A 16 6.34 3.67 22.19
N ARG A 17 7.67 3.63 22.30
CA ARG A 17 8.51 4.44 21.42
C ARG A 17 8.36 4.01 19.96
N ILE A 18 8.28 2.70 19.70
CA ILE A 18 8.07 2.22 18.33
C ILE A 18 6.78 2.78 17.74
N ILE A 19 5.69 2.73 18.54
CA ILE A 19 4.42 3.23 18.05
C ILE A 19 4.51 4.72 17.78
N ALA A 20 5.13 5.48 18.68
CA ALA A 20 5.26 6.92 18.46
C ALA A 20 6.07 7.23 17.21
N ILE A 21 7.15 6.47 16.99
CA ILE A 21 7.99 6.68 15.82
C ILE A 21 7.20 6.41 14.54
N LEU A 22 6.44 5.29 14.50
CA LEU A 22 5.69 4.97 13.29
C LEU A 22 4.56 5.96 13.03
N LEU A 23 3.89 6.42 14.08
CA LEU A 23 2.86 7.44 13.89
C LEU A 23 3.48 8.70 13.30
N ASP A 24 4.60 9.16 13.86
CA ASP A 24 5.30 10.34 13.34
C ASP A 24 5.72 10.13 11.91
N ALA A 25 6.26 8.95 11.60
CA ALA A 25 6.71 8.67 10.26
C ALA A 25 5.55 8.74 9.27
N HIS A 26 4.41 8.15 9.63
CA HIS A 26 3.25 8.22 8.78
C HIS A 26 2.77 9.66 8.63
N HIS A 27 2.72 10.42 9.73
CA HIS A 27 2.24 11.80 9.62
C HIS A 27 3.13 12.67 8.76
N LYS A 28 4.42 12.35 8.67
CA LYS A 28 5.34 13.07 7.83
C LYS A 28 5.30 12.66 6.37
N THR A 29 4.77 11.48 6.07
CA THR A 29 4.82 10.91 4.72
C THR A 29 3.45 10.66 4.11
N TYR A 30 2.34 10.94 4.80
CA TYR A 30 0.99 10.84 4.26
C TYR A 30 0.26 12.14 4.54
N ASP A 31 0.10 12.94 3.51
CA ASP A 31 -0.62 14.20 3.56
C ASP A 31 -2.11 13.92 3.40
N PRO A 32 -2.91 14.06 4.46
CA PRO A 32 -4.32 13.67 4.37
C PRO A 32 -5.17 14.69 3.64
N THR A 33 -4.56 15.77 3.15
CA THR A 33 -5.23 16.75 2.29
C THR A 33 -4.95 16.52 0.81
N TYR A 34 -3.99 15.67 0.46
CA TYR A 34 -3.69 15.35 -0.94
C TYR A 34 -3.31 16.59 -1.73
N SER A 35 -2.66 17.55 -1.05
CA SER A 35 -2.43 18.87 -1.63
C SER A 35 -1.37 18.87 -2.74
N ASP A 36 -0.56 17.80 -2.87
CA ASP A 36 0.41 17.72 -3.94
C ASP A 36 -0.19 17.17 -5.23
N PHE A 37 -1.40 16.63 -5.19
CA PHE A 37 -1.87 15.86 -6.34
C PHE A 37 -2.10 16.72 -7.58
N CYS A 38 -2.31 18.03 -7.43
CA CYS A 38 -2.43 18.92 -8.59
C CYS A 38 -1.11 19.07 -9.35
N GLN A 39 0.01 18.59 -8.79
CA GLN A 39 1.32 18.64 -9.45
C GLN A 39 1.55 17.47 -10.40
N PHE A 40 0.74 16.42 -10.28
CA PHE A 40 0.84 15.28 -11.18
C PHE A 40 0.32 15.64 -12.56
N ARG A 41 0.69 14.83 -13.56
CA ARG A 41 0.05 14.97 -14.86
C ARG A 41 -1.45 14.85 -14.66
N PRO A 42 -2.26 15.60 -15.40
CA PRO A 42 -3.66 15.71 -15.04
C PRO A 42 -4.42 14.43 -15.35
N PRO A 43 -5.44 14.12 -14.55
CA PRO A 43 -6.35 13.03 -14.89
C PRO A 43 -7.11 13.37 -16.16
N VAL A 44 -7.30 12.37 -17.00
CA VAL A 44 -8.15 12.47 -18.18
C VAL A 44 -9.04 11.25 -18.19
N ARG A 45 -10.34 11.47 -18.40
CA ARG A 45 -11.30 10.36 -18.45
C ARG A 45 -11.98 10.32 -19.80
N VAL A 46 -11.53 9.42 -20.68
CA VAL A 46 -12.22 9.24 -21.96
C VAL A 46 -13.58 8.59 -21.74
N ASN A 47 -14.48 8.78 -22.71
CA ASN A 47 -15.81 8.16 -22.64
C ASN A 47 -15.66 6.66 -22.89
N ASP A 48 -15.94 5.85 -21.88
CA ASP A 48 -15.72 4.41 -21.96
C ASP A 48 -16.75 3.68 -21.11
N GLY A 49 -18.01 4.04 -21.26
CA GLY A 49 -19.03 3.39 -20.46
C GLY A 49 -19.10 1.89 -20.71
N GLY A 50 -18.70 1.44 -21.89
CA GLY A 50 -18.76 0.02 -22.19
C GLY A 50 -17.57 -0.79 -21.70
N GLY A 51 -16.59 -0.14 -21.10
CA GLY A 51 -15.42 -0.83 -20.60
C GLY A 51 -14.65 -1.54 -21.70
N SER A 52 -14.34 -0.82 -22.78
CA SER A 52 -13.66 -1.43 -23.91
C SER A 52 -12.17 -1.52 -23.65
N VAL A 53 -11.63 -2.75 -23.63
CA VAL A 53 -10.20 -2.94 -23.43
C VAL A 53 -9.42 -2.27 -24.55
N THR A 54 -9.90 -2.40 -25.80
CA THR A 54 -9.20 -1.80 -26.94
C THR A 54 -9.09 -0.29 -26.77
N LEU A 55 -10.21 0.36 -26.40
CA LEU A 55 -10.16 1.80 -26.18
C LEU A 55 -9.27 2.14 -25.01
N GLU A 56 -9.41 1.40 -23.91
CA GLU A 56 -8.63 1.69 -22.72
C GLU A 56 -7.15 1.61 -23.01
N LEU A 57 -6.73 0.61 -23.76
CA LEU A 57 -5.32 0.50 -24.10
C LEU A 57 -4.88 1.53 -25.14
N SER A 58 -5.80 1.89 -26.05
N SER A 58 -5.76 1.87 -26.09
CA SER A 58 -5.47 2.85 -27.09
CA SER A 58 -5.39 2.88 -27.07
C SER A 58 -5.24 4.25 -26.54
C SER A 58 -5.09 4.21 -26.39
N GLN A 59 -5.90 4.58 -25.42
CA GLN A 59 -5.78 5.91 -24.83
C GLN A 59 -4.98 5.96 -23.54
N LEU A 60 -5.10 4.93 -22.69
CA LEU A 60 -4.52 4.92 -21.34
C LEU A 60 -4.67 6.30 -20.67
N SER A 61 -5.90 6.82 -20.70
CA SER A 61 -6.13 8.22 -20.38
C SER A 61 -5.80 8.55 -18.95
N MET A 62 -6.03 7.62 -18.02
CA MET A 62 -5.76 7.87 -16.62
C MET A 62 -4.37 7.41 -16.20
N LEU A 63 -3.59 6.82 -17.10
CA LEU A 63 -2.31 6.24 -16.68
C LEU A 63 -1.31 7.30 -16.27
N PRO A 64 -1.11 8.39 -17.00
CA PRO A 64 -0.10 9.36 -16.52
C PRO A 64 -0.39 9.84 -15.09
N HIS A 65 -1.63 10.18 -14.81
CA HIS A 65 -1.97 10.66 -13.48
C HIS A 65 -1.80 9.58 -12.43
N LEU A 66 -2.33 8.38 -12.68
CA LEU A 66 -2.24 7.34 -11.66
C LEU A 66 -0.81 6.81 -11.52
N ALA A 67 -0.03 6.78 -12.59
CA ALA A 67 1.37 6.44 -12.46
C ALA A 67 2.12 7.49 -11.62
N ASP A 68 1.83 8.78 -11.83
CA ASP A 68 2.44 9.83 -11.00
C ASP A 68 2.02 9.68 -9.55
N LEU A 69 0.75 9.35 -9.30
CA LEU A 69 0.27 9.14 -7.94
C LEU A 69 0.99 7.97 -7.29
N VAL A 70 1.12 6.87 -8.02
CA VAL A 70 1.78 5.70 -7.47
C VAL A 70 3.27 5.98 -7.25
N SER A 71 3.92 6.67 -8.21
CA SER A 71 5.33 7.01 -8.08
C SER A 71 5.57 7.87 -6.85
N TYR A 72 4.78 8.92 -6.68
CA TYR A 72 4.83 9.77 -5.50
C TYR A 72 4.67 8.95 -4.24
N SER A 73 3.74 8.02 -4.27
CA SER A 73 3.43 7.20 -3.12
C SER A 73 4.59 6.27 -2.79
N ILE A 74 5.25 5.71 -3.81
CA ILE A 74 6.45 4.91 -3.59
C ILE A 74 7.52 5.75 -2.89
N GLN A 75 7.72 6.98 -3.34
CA GLN A 75 8.68 7.85 -2.67
C GLN A 75 8.33 8.01 -1.20
N LYS A 76 7.06 8.26 -0.90
CA LYS A 76 6.63 8.41 0.49
C LYS A 76 6.85 7.13 1.29
N VAL A 77 6.56 5.97 0.70
CA VAL A 77 6.76 4.70 1.38
C VAL A 77 8.24 4.46 1.65
N ILE A 78 9.14 4.83 0.72
CA ILE A 78 10.57 4.72 0.98
C ILE A 78 10.93 5.52 2.23
N GLY A 79 10.43 6.75 2.30
CA GLY A 79 10.69 7.56 3.48
C GLY A 79 10.12 6.98 4.76
N PHE A 80 8.89 6.44 4.70
CA PHE A 80 8.28 5.79 5.86
C PHE A 80 9.14 4.62 6.32
N ALA A 81 9.53 3.77 5.37
CA ALA A 81 10.30 2.58 5.69
C ALA A 81 11.61 2.92 6.41
N LYS A 82 12.29 3.98 5.94
CA LYS A 82 13.55 4.37 6.54
C LYS A 82 13.42 4.75 8.01
N MET A 83 12.21 5.11 8.46
N MET A 83 12.22 5.09 8.46
CA MET A 83 11.95 5.44 9.85
CA MET A 83 11.96 5.41 9.85
C MET A 83 11.40 4.26 10.66
C MET A 83 11.55 4.21 10.68
N ILE A 84 11.21 3.08 10.06
CA ILE A 84 10.79 1.91 10.84
C ILE A 84 11.96 1.53 11.74
N PRO A 85 11.77 1.44 13.05
CA PRO A 85 12.86 1.00 13.91
C PRO A 85 13.45 -0.33 13.46
N GLY A 86 14.77 -0.34 13.24
CA GLY A 86 15.49 -1.51 12.78
C GLY A 86 15.73 -1.56 11.28
N PHE A 87 14.92 -0.89 10.48
CA PHE A 87 15.08 -1.00 9.03
C PHE A 87 16.47 -0.59 8.59
N ARG A 88 17.03 0.47 9.19
CA ARG A 88 18.36 0.88 8.79
C ARG A 88 19.45 -0.02 9.33
N ASP A 89 19.14 -1.01 10.18
CA ASP A 89 20.13 -2.03 10.54
C ASP A 89 20.35 -3.04 9.42
N LEU A 90 19.42 -3.13 8.46
CA LEU A 90 19.57 -4.03 7.33
C LEU A 90 20.59 -3.50 6.35
N THR A 91 21.16 -4.41 5.56
CA THR A 91 22.03 -3.97 4.48
C THR A 91 21.22 -3.18 3.47
N SER A 92 21.90 -2.29 2.76
CA SER A 92 21.25 -1.55 1.68
C SER A 92 20.56 -2.49 0.71
N GLU A 93 21.20 -3.63 0.40
CA GLU A 93 20.64 -4.55 -0.58
C GLU A 93 19.31 -5.13 -0.09
N ASP A 94 19.24 -5.55 1.19
CA ASP A 94 17.98 -6.07 1.71
C ASP A 94 16.92 -4.98 1.82
N GLN A 95 17.33 -3.75 2.18
CA GLN A 95 16.36 -2.66 2.21
C GLN A 95 15.67 -2.49 0.86
N ILE A 96 16.45 -2.53 -0.22
CA ILE A 96 15.89 -2.31 -1.54
C ILE A 96 15.02 -3.50 -1.98
N VAL A 97 15.43 -4.73 -1.67
CA VAL A 97 14.58 -5.89 -1.97
C VAL A 97 13.24 -5.73 -1.28
N LEU A 98 13.27 -5.35 -0.01
CA LEU A 98 12.01 -5.24 0.74
C LEU A 98 11.13 -4.13 0.20
N LEU A 99 11.72 -2.99 -0.16
CA LEU A 99 10.95 -1.87 -0.68
C LEU A 99 10.32 -2.22 -2.02
N LYS A 100 11.09 -2.79 -2.93
CA LYS A 100 10.55 -3.08 -4.26
C LYS A 100 9.48 -4.16 -4.20
N SER A 101 9.63 -5.14 -3.32
CA SER A 101 8.64 -6.20 -3.26
C SER A 101 7.36 -5.80 -2.54
N SER A 102 7.41 -4.85 -1.62
CA SER A 102 6.24 -4.46 -0.85
C SER A 102 5.55 -3.21 -1.37
N ALA A 103 6.17 -2.46 -2.27
CA ALA A 103 5.67 -1.13 -2.60
C ALA A 103 4.19 -1.15 -2.94
N ILE A 104 3.76 -2.02 -3.85
CA ILE A 104 2.36 -1.99 -4.28
C ILE A 104 1.42 -2.37 -3.12
N GLU A 105 1.88 -3.26 -2.25
CA GLU A 105 1.08 -3.67 -1.11
C GLU A 105 0.91 -2.52 -0.12
N VAL A 106 1.97 -1.77 0.15
CA VAL A 106 1.85 -0.65 1.07
C VAL A 106 1.02 0.45 0.46
N ILE A 107 1.12 0.64 -0.88
N ILE A 107 1.10 0.64 -0.85
CA ILE A 107 0.25 1.58 -1.60
CA ILE A 107 0.22 1.61 -1.49
C ILE A 107 -1.21 1.18 -1.39
C ILE A 107 -1.23 1.18 -1.32
N MET A 108 -1.53 -0.10 -1.53
CA MET A 108 -2.90 -0.54 -1.31
C MET A 108 -3.34 -0.33 0.13
N LEU A 109 -2.48 -0.66 1.10
CA LEU A 109 -2.82 -0.43 2.51
C LEU A 109 -3.03 1.06 2.77
N ARG A 110 -2.06 1.90 2.42
CA ARG A 110 -2.15 3.30 2.82
C ARG A 110 -3.30 4.00 2.14
N SER A 111 -3.68 3.53 0.96
CA SER A 111 -4.80 4.14 0.26
C SER A 111 -6.11 3.93 0.99
N ASN A 112 -6.18 3.02 1.95
CA ASN A 112 -7.43 2.82 2.69
C ASN A 112 -7.87 4.11 3.36
N GLU A 113 -6.92 5.00 3.66
CA GLU A 113 -7.25 6.24 4.36
C GLU A 113 -8.04 7.17 3.45
N SER A 114 -7.86 7.12 2.14
CA SER A 114 -8.70 7.92 1.24
C SER A 114 -9.90 7.16 0.73
N PHE A 115 -9.86 5.83 0.77
CA PHE A 115 -11.01 5.03 0.40
C PHE A 115 -12.20 5.40 1.29
N THR A 116 -13.38 5.44 0.69
CA THR A 116 -14.58 5.67 1.46
C THR A 116 -15.70 4.74 1.01
N MET A 117 -16.40 4.15 1.97
CA MET A 117 -17.59 3.36 1.67
C MET A 117 -18.80 4.22 1.33
N ASP A 118 -18.70 5.55 1.43
CA ASP A 118 -19.82 6.39 1.01
C ASP A 118 -20.23 6.07 -0.43
N ASP A 119 -19.23 5.95 -1.31
CA ASP A 119 -19.49 5.62 -2.71
C ASP A 119 -18.45 4.69 -3.32
N MET A 120 -17.63 4.03 -2.50
CA MET A 120 -16.69 3.02 -2.96
C MET A 120 -15.64 3.60 -3.89
N SER A 121 -15.11 4.75 -3.49
CA SER A 121 -14.09 5.45 -4.27
C SER A 121 -12.93 5.80 -3.34
N TRP A 122 -11.80 6.13 -3.92
CA TRP A 122 -10.73 6.77 -3.18
C TRP A 122 -10.91 8.27 -3.41
N THR A 123 -11.34 8.98 -2.38
CA THR A 123 -11.73 10.38 -2.51
C THR A 123 -10.60 11.26 -2.00
N CYS A 124 -9.92 11.95 -2.93
CA CYS A 124 -8.74 12.76 -2.61
C CYS A 124 -8.95 14.22 -2.97
N GLY A 125 -10.20 14.63 -3.15
CA GLY A 125 -10.49 16.03 -3.36
C GLY A 125 -11.78 16.15 -4.09
N ASN A 126 -11.85 17.15 -4.96
CA ASN A 126 -12.97 17.34 -5.85
C ASN A 126 -13.07 16.16 -6.80
N GLN A 127 -14.07 16.21 -7.67
CA GLN A 127 -14.28 15.15 -8.64
C GLN A 127 -13.01 14.77 -9.36
N ASP A 128 -12.12 15.75 -9.63
CA ASP A 128 -10.94 15.45 -10.43
C ASP A 128 -10.09 14.38 -9.76
N TYR A 129 -10.00 14.41 -8.44
CA TYR A 129 -9.18 13.50 -7.68
C TYR A 129 -10.00 12.49 -6.88
N LYS A 130 -11.16 12.13 -7.39
CA LYS A 130 -11.96 11.03 -6.87
C LYS A 130 -11.72 9.88 -7.84
N TYR A 131 -11.14 8.79 -7.35
CA TYR A 131 -10.74 7.66 -8.18
C TYR A 131 -11.71 6.51 -7.94
N ARG A 132 -12.30 6.02 -9.01
CA ARG A 132 -13.28 4.96 -9.00
C ARG A 132 -12.73 3.77 -9.78
N VAL A 133 -13.45 2.66 -9.72
CA VAL A 133 -13.02 1.47 -10.47
C VAL A 133 -12.87 1.79 -11.95
N SER A 134 -13.74 2.64 -12.52
CA SER A 134 -13.64 2.96 -13.95
C SER A 134 -12.38 3.76 -14.27
N ASP A 135 -11.80 4.45 -13.30
CA ASP A 135 -10.53 5.12 -13.56
C ASP A 135 -9.39 4.14 -13.63
N VAL A 136 -9.46 3.06 -12.87
CA VAL A 136 -8.42 2.05 -12.89
C VAL A 136 -8.48 1.27 -14.21
N THR A 137 -9.69 1.00 -14.73
CA THR A 137 -9.71 0.38 -16.05
C THR A 137 -9.19 1.34 -17.13
N LYS A 138 -9.35 2.66 -16.95
CA LYS A 138 -8.81 3.63 -17.90
C LYS A 138 -7.28 3.79 -17.78
N ALA A 139 -6.67 3.15 -16.80
CA ALA A 139 -5.23 3.05 -16.71
C ALA A 139 -4.69 1.71 -17.20
N GLY A 140 -5.54 0.85 -17.74
CA GLY A 140 -5.09 -0.38 -18.35
C GLY A 140 -5.25 -1.64 -17.54
N HIS A 141 -5.88 -1.57 -16.36
CA HIS A 141 -6.09 -2.75 -15.53
C HIS A 141 -7.49 -3.31 -15.71
N SER A 142 -7.66 -4.57 -15.26
CA SER A 142 -8.90 -5.29 -15.48
C SER A 142 -9.52 -5.72 -14.16
N LEU A 143 -10.74 -6.24 -14.27
CA LEU A 143 -11.55 -6.55 -13.10
C LEU A 143 -10.93 -7.63 -12.23
N GLU A 144 -10.09 -8.51 -12.78
CA GLU A 144 -9.47 -9.54 -11.95
C GLU A 144 -8.55 -8.94 -10.89
N LEU A 145 -8.11 -7.70 -11.07
CA LEU A 145 -7.41 -6.98 -10.02
C LEU A 145 -8.35 -6.05 -9.27
N ILE A 146 -9.19 -5.31 -9.99
CA ILE A 146 -9.93 -4.23 -9.34
C ILE A 146 -10.98 -4.77 -8.37
N GLU A 147 -11.71 -5.83 -8.78
CA GLU A 147 -12.76 -6.34 -7.90
C GLU A 147 -12.17 -6.80 -6.57
N PRO A 148 -11.12 -7.61 -6.55
CA PRO A 148 -10.56 -8.02 -5.26
C PRO A 148 -9.94 -6.87 -4.52
N LEU A 149 -9.47 -5.85 -5.23
CA LEU A 149 -8.91 -4.70 -4.56
C LEU A 149 -9.99 -3.94 -3.79
N ILE A 150 -11.15 -3.73 -4.40
CA ILE A 150 -12.25 -3.08 -3.70
C ILE A 150 -12.71 -3.92 -2.51
N LYS A 151 -12.83 -5.23 -2.71
CA LYS A 151 -13.21 -6.11 -1.61
C LYS A 151 -12.23 -5.97 -0.45
N PHE A 152 -10.94 -5.93 -0.78
CA PHE A 152 -9.89 -5.74 0.21
C PHE A 152 -10.06 -4.41 0.96
N GLN A 153 -10.33 -3.32 0.22
CA GLN A 153 -10.48 -2.02 0.88
C GLN A 153 -11.65 -2.01 1.84
N VAL A 154 -12.78 -2.60 1.43
CA VAL A 154 -13.92 -2.67 2.33
C VAL A 154 -13.61 -3.54 3.55
N GLY A 155 -12.98 -4.71 3.34
CA GLY A 155 -12.69 -5.55 4.49
C GLY A 155 -11.76 -4.86 5.48
N LEU A 156 -10.79 -4.11 4.96
CA LEU A 156 -9.86 -3.40 5.82
C LEU A 156 -10.57 -2.28 6.54
N LYS A 157 -11.42 -1.55 5.83
CA LYS A 157 -12.21 -0.50 6.45
C LYS A 157 -12.96 -1.03 7.64
N LYS A 158 -13.62 -2.18 7.46
CA LYS A 158 -14.51 -2.69 8.50
C LYS A 158 -13.75 -3.25 9.69
N LEU A 159 -12.43 -3.41 9.61
CA LEU A 159 -11.66 -3.69 10.81
C LEU A 159 -11.59 -2.48 11.76
N ASN A 160 -11.87 -1.28 11.27
CA ASN A 160 -11.85 -0.08 12.10
C ASN A 160 -10.54 0.05 12.87
N LEU A 161 -9.43 -0.07 12.15
CA LEU A 161 -8.12 -0.03 12.78
C LEU A 161 -7.87 1.32 13.45
N HIS A 162 -7.26 1.27 14.62
CA HIS A 162 -6.63 2.45 15.19
C HIS A 162 -5.47 2.85 14.30
N GLU A 163 -5.12 4.15 14.29
CA GLU A 163 -3.97 4.54 13.47
C GLU A 163 -2.69 3.79 13.88
N GLU A 164 -2.54 3.51 15.17
CA GLU A 164 -1.43 2.72 15.67
C GLU A 164 -1.36 1.38 14.96
N GLU A 165 -2.51 0.73 14.82
CA GLU A 165 -2.54 -0.58 14.18
C GLU A 165 -2.27 -0.48 12.69
N HIS A 166 -2.84 0.54 12.02
CA HIS A 166 -2.60 0.80 10.62
C HIS A 166 -1.11 0.96 10.34
N VAL A 167 -0.43 1.78 11.12
CA VAL A 167 0.99 2.01 10.79
C VAL A 167 1.84 0.79 11.13
N LEU A 168 1.51 0.08 12.20
CA LEU A 168 2.19 -1.17 12.47
C LEU A 168 2.00 -2.16 11.33
N LEU A 169 0.78 -2.25 10.78
CA LEU A 169 0.53 -3.20 9.70
C LEU A 169 1.36 -2.85 8.48
N MET A 170 1.49 -1.56 8.15
CA MET A 170 2.32 -1.19 7.00
C MET A 170 3.77 -1.57 7.27
N ALA A 171 4.24 -1.33 8.48
CA ALA A 171 5.63 -1.66 8.80
C ALA A 171 5.90 -3.15 8.73
N ILE A 172 4.97 -3.98 9.25
CA ILE A 172 5.10 -5.43 9.21
C ILE A 172 5.09 -5.93 7.77
N CYS A 173 4.26 -5.31 6.93
CA CYS A 173 4.22 -5.67 5.51
C CYS A 173 5.58 -5.46 4.85
N ILE A 174 6.21 -4.31 5.12
CA ILE A 174 7.50 -3.98 4.51
C ILE A 174 8.58 -4.94 5.01
N VAL A 175 8.63 -5.20 6.31
N VAL A 175 8.67 -5.12 6.32
CA VAL A 175 9.75 -5.94 6.87
CA VAL A 175 9.74 -5.90 6.93
C VAL A 175 9.43 -7.44 6.90
C VAL A 175 9.27 -7.35 7.01
N SER A 176 9.25 -8.03 5.73
N SER A 176 9.25 -7.99 5.86
CA SER A 176 8.77 -9.40 5.60
CA SER A 176 8.86 -9.37 5.76
C SER A 176 9.93 -10.31 5.22
C SER A 176 10.06 -10.19 5.35
N PRO A 177 10.33 -11.29 6.05
CA PRO A 177 11.50 -12.10 5.70
C PRO A 177 11.27 -13.06 4.54
N ASP A 178 10.03 -13.27 4.14
CA ASP A 178 9.69 -14.14 3.03
C ASP A 178 9.35 -13.30 1.80
N ARG A 179 10.36 -12.60 1.37
CA ARG A 179 10.35 -11.98 0.07
C ARG A 179 11.48 -12.58 -0.76
N PRO A 180 11.28 -12.81 -2.05
CA PRO A 180 12.35 -13.38 -2.86
C PRO A 180 13.56 -12.46 -2.89
N GLY A 181 14.74 -13.05 -2.76
CA GLY A 181 15.99 -12.33 -2.89
C GLY A 181 16.57 -11.77 -1.61
N VAL A 182 15.86 -11.89 -0.48
CA VAL A 182 16.42 -11.39 0.77
C VAL A 182 17.63 -12.21 1.17
N GLN A 183 18.60 -11.54 1.80
CA GLN A 183 19.81 -12.20 2.23
C GLN A 183 19.74 -12.55 3.71
N ASP A 184 19.53 -11.56 4.58
CA ASP A 184 19.52 -11.83 6.02
C ASP A 184 18.08 -11.96 6.52
N ALA A 185 17.49 -13.11 6.16
CA ALA A 185 16.12 -13.37 6.55
C ALA A 185 15.96 -13.36 8.07
N ALA A 186 16.96 -13.86 8.80
CA ALA A 186 16.83 -13.93 10.26
C ALA A 186 16.79 -12.53 10.88
N LEU A 187 17.58 -11.60 10.36
CA LEU A 187 17.52 -10.24 10.90
C LEU A 187 16.19 -9.58 10.55
N ILE A 188 15.72 -9.76 9.31
CA ILE A 188 14.43 -9.21 8.92
C ILE A 188 13.34 -9.76 9.83
N GLU A 189 13.39 -11.06 10.10
CA GLU A 189 12.37 -11.70 10.94
C GLU A 189 12.43 -11.14 12.37
N ALA A 190 13.63 -10.88 12.88
CA ALA A 190 13.73 -10.29 14.22
C ALA A 190 13.10 -8.91 14.27
N ILE A 191 13.37 -8.10 13.25
CA ILE A 191 12.75 -6.78 13.19
C ILE A 191 11.25 -6.92 13.09
N GLN A 192 10.78 -7.82 12.23
CA GLN A 192 9.35 -8.00 12.06
C GLN A 192 8.70 -8.48 13.35
N ASP A 193 9.34 -9.43 14.05
CA ASP A 193 8.79 -9.95 15.29
C ASP A 193 8.65 -8.86 16.35
N ARG A 194 9.60 -7.93 16.41
CA ARG A 194 9.49 -6.81 17.35
C ARG A 194 8.26 -5.96 17.03
N LEU A 195 7.98 -5.76 15.75
CA LEU A 195 6.80 -5.00 15.34
C LEU A 195 5.52 -5.80 15.59
N SER A 196 5.53 -7.10 15.23
CA SER A 196 4.36 -7.97 15.45
C SER A 196 4.01 -8.08 16.92
N ASN A 197 5.01 -8.23 17.79
CA ASN A 197 4.74 -8.28 19.23
C ASN A 197 4.18 -6.96 19.73
N THR A 198 4.70 -5.82 19.21
CA THR A 198 4.10 -4.51 19.55
C THR A 198 2.63 -4.49 19.17
N LEU A 199 2.30 -4.92 17.95
CA LEU A 199 0.92 -4.93 17.50
C LEU A 199 0.05 -5.84 18.35
N GLN A 200 0.48 -7.08 18.58
CA GLN A 200 -0.33 -8.00 19.40
C GLN A 200 -0.57 -7.42 20.80
N THR A 201 0.46 -6.84 21.39
CA THR A 201 0.36 -6.28 22.72
C THR A 201 -0.58 -5.08 22.71
N TYR A 202 -0.44 -4.21 21.71
CA TYR A 202 -1.32 -3.05 21.61
C TYR A 202 -2.78 -3.47 21.54
N ILE A 203 -3.10 -4.43 20.66
CA ILE A 203 -4.48 -4.84 20.48
C ILE A 203 -5.06 -5.33 21.80
N ARG A 204 -4.29 -6.12 22.52
CA ARG A 204 -4.79 -6.75 23.72
C ARG A 204 -4.96 -5.75 24.86
N CYS A 205 -4.19 -4.67 24.90
CA CYS A 205 -4.37 -3.78 26.02
C CYS A 205 -5.03 -2.45 25.66
N ARG A 206 -5.15 -2.12 24.37
CA ARG A 206 -5.70 -0.82 23.99
C ARG A 206 -6.87 -0.87 23.02
N HIS A 207 -7.22 -2.02 22.47
CA HIS A 207 -8.33 -2.07 21.52
C HIS A 207 -9.57 -2.63 22.24
N PRO A 208 -10.62 -1.85 22.47
CA PRO A 208 -11.74 -2.36 23.25
C PRO A 208 -12.53 -3.38 22.46
N PRO A 209 -13.29 -4.22 23.14
CA PRO A 209 -14.16 -5.18 22.47
C PRO A 209 -15.37 -4.46 21.90
N PRO A 210 -16.07 -5.06 20.93
CA PRO A 210 -15.81 -6.37 20.33
C PRO A 210 -14.91 -6.33 19.08
N GLY A 211 -14.54 -5.13 18.63
CA GLY A 211 -13.69 -4.99 17.47
C GLY A 211 -12.31 -5.61 17.64
N SER A 212 -11.88 -5.84 18.88
CA SER A 212 -10.61 -6.51 19.16
C SER A 212 -10.64 -8.02 18.91
N HIS A 213 -11.83 -8.60 18.77
CA HIS A 213 -11.98 -10.06 18.72
C HIS A 213 -11.24 -10.64 17.52
N LEU A 214 -10.21 -11.46 17.77
CA LEU A 214 -9.43 -12.10 16.69
C LEU A 214 -8.86 -11.07 15.74
N LEU A 215 -8.66 -9.84 16.21
CA LEU A 215 -8.25 -8.78 15.31
C LEU A 215 -6.87 -9.05 14.70
N TYR A 216 -5.90 -9.48 15.53
CA TYR A 216 -4.56 -9.75 15.01
C TYR A 216 -4.64 -10.76 13.86
N ALA A 217 -5.38 -11.85 14.04
CA ALA A 217 -5.48 -12.84 12.98
C ALA A 217 -6.13 -12.25 11.74
N LYS A 218 -7.12 -11.37 11.90
CA LYS A 218 -7.72 -10.72 10.74
C LYS A 218 -6.71 -9.84 10.01
N MET A 219 -5.84 -9.17 10.76
CA MET A 219 -4.83 -8.32 10.13
C MET A 219 -3.80 -9.15 9.39
N ILE A 220 -3.36 -10.27 9.98
CA ILE A 220 -2.43 -11.16 9.30
C ILE A 220 -3.06 -11.72 8.02
N GLN A 221 -4.36 -12.02 8.04
CA GLN A 221 -5.03 -12.45 6.81
C GLN A 221 -4.97 -11.37 5.74
N LYS A 222 -5.12 -10.09 6.12
CA LYS A 222 -4.99 -9.03 5.13
C LYS A 222 -3.61 -9.01 4.48
N LEU A 223 -2.56 -9.33 5.23
CA LEU A 223 -1.23 -9.43 4.62
C LEU A 223 -1.18 -10.54 3.58
N ALA A 224 -1.87 -11.65 3.81
CA ALA A 224 -1.92 -12.71 2.81
C ALA A 224 -2.71 -12.27 1.59
N ASP A 225 -3.83 -11.58 1.82
CA ASP A 225 -4.59 -11.04 0.70
C ASP A 225 -3.73 -10.14 -0.15
N LEU A 226 -2.89 -9.30 0.49
CA LEU A 226 -2.03 -8.40 -0.26
C LEU A 226 -1.07 -9.14 -1.18
N ARG A 227 -0.55 -10.31 -0.75
CA ARG A 227 0.33 -11.08 -1.63
C ARG A 227 -0.38 -11.46 -2.91
N SER A 228 -1.66 -11.85 -2.80
CA SER A 228 -2.43 -12.22 -3.98
C SER A 228 -2.66 -11.02 -4.89
N LEU A 229 -2.96 -9.88 -4.29
CA LEU A 229 -3.15 -8.68 -5.08
C LEU A 229 -1.87 -8.26 -5.76
N ASN A 230 -0.73 -8.42 -5.06
CA ASN A 230 0.58 -8.09 -5.62
C ASN A 230 0.85 -8.92 -6.87
N GLU A 231 0.62 -10.23 -6.78
CA GLU A 231 0.89 -11.11 -7.91
C GLU A 231 -0.01 -10.75 -9.09
N GLU A 232 -1.29 -10.46 -8.83
CA GLU A 232 -2.18 -10.09 -9.93
C GLU A 232 -1.82 -8.73 -10.52
N HIS A 233 -1.43 -7.79 -9.69
CA HIS A 233 -0.98 -6.51 -10.23
C HIS A 233 0.24 -6.70 -11.11
N SER A 234 1.18 -7.54 -10.70
CA SER A 234 2.39 -7.74 -11.48
C SER A 234 2.05 -8.33 -12.84
N LYS A 235 1.15 -9.32 -12.87
CA LYS A 235 0.77 -9.90 -14.15
C LYS A 235 0.17 -8.85 -15.05
N GLN A 236 -0.68 -7.98 -14.50
CA GLN A 236 -1.37 -7.00 -15.32
C GLN A 236 -0.45 -5.89 -15.74
N TYR A 237 0.51 -5.51 -14.89
CA TYR A 237 1.49 -4.52 -15.25
C TYR A 237 2.34 -5.01 -16.41
N ARG A 238 2.74 -6.28 -16.38
CA ARG A 238 3.53 -6.82 -17.48
C ARG A 238 2.78 -6.67 -18.79
N CYS A 239 1.48 -6.97 -18.80
CA CYS A 239 0.73 -6.87 -20.04
C CYS A 239 0.53 -5.42 -20.46
N LEU A 240 0.29 -4.53 -19.50
CA LEU A 240 0.20 -3.10 -19.78
C LEU A 240 1.48 -2.58 -20.44
N SER A 241 2.62 -3.10 -20.02
CA SER A 241 3.91 -2.67 -20.52
C SER A 241 4.12 -3.01 -21.97
N PHE A 242 3.35 -3.96 -22.50
CA PHE A 242 3.44 -4.28 -23.90
C PHE A 242 2.83 -3.22 -24.80
N GLN A 243 2.09 -2.27 -24.23
CA GLN A 243 1.43 -1.29 -25.07
C GLN A 243 2.48 -0.33 -25.61
N PRO A 244 2.57 -0.13 -26.91
CA PRO A 244 3.55 0.83 -27.43
C PRO A 244 3.38 2.19 -26.79
N GLU A 245 4.52 2.80 -26.42
CA GLU A 245 4.60 4.13 -25.79
C GLU A 245 4.15 4.16 -24.34
N CYS A 246 3.93 2.99 -23.71
CA CYS A 246 3.52 2.96 -22.31
C CYS A 246 4.55 3.61 -21.40
N SER A 247 5.84 3.44 -21.71
CA SER A 247 6.88 3.86 -20.76
C SER A 247 6.82 5.35 -20.49
N MET A 248 6.45 6.14 -21.51
CA MET A 248 6.36 7.58 -21.33
C MET A 248 5.20 7.97 -20.44
N LYS A 249 4.21 7.09 -20.29
CA LYS A 249 3.09 7.33 -19.41
C LYS A 249 3.40 6.91 -17.98
N LEU A 250 4.49 6.20 -17.77
CA LEU A 250 4.88 5.79 -16.43
C LEU A 250 5.90 6.77 -15.86
N THR A 251 6.75 6.31 -14.93
CA THR A 251 7.87 7.08 -14.44
C THR A 251 9.08 6.17 -14.28
N PRO A 252 10.28 6.74 -14.18
CA PRO A 252 11.46 5.85 -13.98
C PRO A 252 11.34 4.97 -12.74
N LEU A 253 10.84 5.52 -11.64
CA LEU A 253 10.69 4.72 -10.43
C LEU A 253 9.68 3.59 -10.62
N VAL A 254 8.53 3.89 -11.23
CA VAL A 254 7.54 2.83 -11.46
C VAL A 254 8.11 1.75 -12.39
N LEU A 255 8.80 2.17 -13.44
CA LEU A 255 9.43 1.22 -14.35
C LEU A 255 10.40 0.30 -13.62
N GLU A 256 11.18 0.84 -12.70
CA GLU A 256 12.13 -0.01 -11.99
C GLU A 256 11.43 -0.96 -11.04
N VAL A 257 10.48 -0.43 -10.27
CA VAL A 257 9.87 -1.25 -9.23
C VAL A 257 9.07 -2.41 -9.85
N PHE A 258 8.36 -2.16 -10.94
CA PHE A 258 7.47 -3.17 -11.49
C PHE A 258 8.01 -3.85 -12.73
N GLY A 259 9.09 -3.35 -13.33
CA GLY A 259 9.57 -3.90 -14.59
C GLY A 259 10.18 -5.28 -14.48
N ASN A 260 10.13 -5.99 -15.61
CA ASN A 260 10.58 -7.38 -15.74
C ASN A 260 12.08 -7.55 -15.49
O2 VDX B . -4.65 7.47 -0.37
O3 VDX B . 0.05 -0.48 -12.55
C1 VDX B . -2.14 6.66 -1.63
C2 VDX B . -2.49 8.09 -1.27
C3 VDX B . -3.95 8.32 -1.30
C4 VDX B . -4.50 7.98 -2.72
C5 VDX B . -4.16 6.62 -3.21
C6 VDX B . -4.99 5.87 -3.98
C7 VDX B . -4.74 4.45 -4.45
C8 VDX B . -5.55 3.89 -5.37
C9 VDX B . -6.60 4.59 -6.19
C10 VDX B . -2.67 6.23 -2.97
C11 VDX B . -6.26 4.61 -7.68
C12 VDX B . -5.86 3.31 -8.19
C13 VDX B . -4.73 2.61 -7.36
C14 VDX B . -5.03 2.63 -5.96
C15 VDX B . -4.17 1.60 -5.22
C16 VDX B . -3.70 0.64 -6.42
C17 VDX B . -4.45 1.04 -7.60
C18 VDX B . -3.45 3.47 -7.53
C19 VDX B . -1.93 5.69 -3.95
C20 VDX B . -3.84 0.69 -9.01
C21 VDX B . -4.25 -0.77 -9.26
C22 VDX B . -2.33 0.82 -9.17
C23 VDX B . -1.92 0.74 -10.69
C24 VDX B . -0.44 1.16 -10.83
C25 VDX B . 0.13 0.88 -12.24
C26 VDX B . -0.64 1.65 -13.32
C27 VDX B . 1.59 1.29 -12.26
O1 VDX B . -0.74 6.39 -1.55
HO2 VDX B . -5.05 7.94 0.22
HO3 VDX B . 0.80 -0.77 -12.81
H11 VDX B . -2.54 6.09 -0.95
H21 VDX B . -2.17 8.28 -0.37
H22 VDX B . -2.07 8.70 -1.89
H31 VDX B . -4.11 9.23 -1.03
H41 VDX B . -4.15 8.63 -3.35
H42 VDX B . -5.47 8.05 -2.69
H61 VDX B . -5.79 6.27 -4.25
H71 VDX B . -4.04 3.97 -4.09
H91 VDX B . -6.69 5.50 -5.89
H92 VDX B . -7.44 4.12 -6.08
H111 VDX B . -5.52 5.23 -7.81
H112 VDX B . -7.03 4.92 -8.17
H121 VDX B . -5.56 3.42 -9.10
H122 VDX B . -6.64 2.73 -8.19
H141 VDX B . -5.79 2.15 -5.59
H151 VDX B . -4.70 1.12 -4.57
H152 VDX B . -3.41 2.04 -4.80
H161 VDX B . -3.90 -0.29 -6.20
H162 VDX B . -2.75 0.74 -6.58
H171 VDX B . -5.27 0.53 -7.60
H181 VDX B . -2.71 3.04 -7.06
H182 VDX B . -3.23 3.54 -8.47
H183 VDX B . -3.61 4.34 -7.15
H191 VDX B . -1.03 5.54 -3.84
H192 VDX B . -2.34 5.46 -4.76
H201 VDX B . -4.19 1.34 -9.63
H211 VDX B . -5.22 -0.84 -9.27
H212 VDX B . -3.90 -1.06 -10.12
H213 VDX B . -3.89 -1.34 -8.56
H221 VDX B . -2.04 1.66 -8.79
H222 VDX B . -1.90 0.09 -8.69
H231 VDX B . -2.48 1.34 -11.21
H232 VDX B . -2.04 -0.17 -11.02
H241 VDX B . 0.08 0.67 -10.18
H242 VDX B . -0.37 2.11 -10.66
H261 VDX B . -1.52 1.23 -13.44
H262 VDX B . -0.76 2.57 -13.04
H263 VDX B . -0.15 1.61 -14.15
H271 VDX B . 1.93 1.21 -13.17
H272 VDX B . 2.10 0.70 -11.68
H273 VDX B . 1.67 2.20 -11.95
HO1 VDX B . -0.60 5.55 -1.62
S SO4 C . 7.63 1.74 -24.87
O1 SO4 C . 6.81 1.10 -25.92
O2 SO4 C . 7.14 3.12 -24.65
O3 SO4 C . 7.35 1.15 -23.56
O4 SO4 C . 9.04 1.88 -25.25
#